data_2ORQ
#
_entry.id   2ORQ
#
_cell.length_a   62.990
_cell.length_b   74.170
_cell.length_c   92.680
_cell.angle_alpha   90.00
_cell.angle_beta   90.00
_cell.angle_gamma   90.00
#
_symmetry.space_group_name_H-M   'P 21 21 21'
#
loop_
_entity.id
_entity.type
_entity.pdbx_description
1 polymer 'Nitric oxide synthase, inducible'
2 non-polymer 'PROTOPORPHYRIN IX CONTAINING FE'
3 non-polymer 4-(1H-IMIDAZOL-1-YL)PHENOL
4 non-polymer 1-(1,3-BENZODIOXOL-5-YL)METHANAMINE
5 water water
#
_entity_poly.entity_id   1
_entity_poly.type   'polypeptide(L)'
_entity_poly.pdbx_seq_one_letter_code
;MNPKSLTRGPRDKPTPLEELLPHAIEFINQYYGSFKEAKIEEHLARLEAVTKEIETTGTYQLTLDELIFATKMAWRNAPR
CIGRIQWSNLQVFDARNCSTAQEMFQHICRHILYATNNGNIRSAITVFPQRSDGKHDFRLWNSQLIRYAGYQMPDGTIRG
DAATLEFTQLCIDLGWKPRYGRFDVLPLVLQADGQDPEVFEIPPDLVLEVTMEHPKYEWFQELGLKWYALPAVANMLLEV
GGLEFPACPFNGWYMGTEIGVRDFCDTQRYNILEEVGRRMGLETHTLASLWKDRAVTEINVAVLHSFQKQNVTIMDHHTA
SESFMKHMQNEYRARGGCPADWIWLVPPVSGSITPVFHQEMLNYVLSPFYYYQIEPWKTHIWQNEHHHH
;
_entity_poly.pdbx_strand_id   A
#
loop_
_chem_comp.id
_chem_comp.type
_chem_comp.name
_chem_comp.formula
HEM non-polymer 'PROTOPORPHYRIN IX CONTAINING FE' 'C34 H32 Fe N4 O4'
MR1 non-polymer 1-(1,3-BENZODIOXOL-5-YL)METHANAMINE 'C8 H9 N O2'
MSR non-polymer 4-(1H-IMIDAZOL-1-YL)PHENOL 'C9 H8 N2 O'
#
# COMPACT_ATOMS: atom_id res chain seq x y z
N MET A 1 -1.28 -21.43 -21.72
CA MET A 1 -0.88 -20.50 -20.68
C MET A 1 -1.55 -20.82 -19.34
N ASN A 2 -0.78 -20.69 -18.27
CA ASN A 2 -1.31 -20.87 -16.91
C ASN A 2 -0.95 -19.68 -16.01
N PRO A 3 -1.39 -18.47 -16.40
CA PRO A 3 -1.21 -17.28 -15.57
C PRO A 3 -1.90 -17.46 -14.23
N LYS A 4 -1.43 -16.73 -13.21
CA LYS A 4 -2.12 -16.74 -11.93
C LYS A 4 -3.01 -15.51 -11.84
N SER A 5 -4.04 -15.58 -11.02
CA SER A 5 -4.87 -14.41 -10.75
C SER A 5 -4.04 -13.37 -10.00
N LEU A 6 -4.10 -12.13 -10.45
CA LEU A 6 -3.44 -11.02 -9.77
C LEU A 6 -4.33 -10.43 -8.67
N THR A 7 -5.53 -11.01 -8.50
CA THR A 7 -6.45 -10.59 -7.45
C THR A 7 -6.55 -11.63 -6.33
N ARG A 8 -6.60 -11.14 -5.10
CA ARG A 8 -6.77 -11.97 -3.92
C ARG A 8 -8.02 -11.48 -3.18
N GLY A 9 -9.04 -12.34 -3.12
CA GLY A 9 -10.33 -11.92 -2.58
C GLY A 9 -10.50 -12.09 -1.08
N PRO A 10 -11.70 -11.82 -0.56
CA PRO A 10 -12.02 -11.95 0.88
C PRO A 10 -12.16 -13.39 1.35
N ARG A 11 -12.11 -13.58 2.66
CA ARG A 11 -12.34 -14.86 3.31
C ARG A 11 -13.45 -14.69 4.35
N ASP A 12 -14.11 -15.80 4.69
CA ASP A 12 -15.08 -15.80 5.78
C ASP A 12 -14.57 -16.62 6.97
N LYS A 13 -13.42 -17.28 6.80
CA LYS A 13 -12.81 -18.03 7.89
C LYS A 13 -11.29 -17.98 7.79
N PRO A 14 -10.59 -18.27 8.90
CA PRO A 14 -9.13 -18.26 8.90
C PRO A 14 -8.60 -19.25 7.88
N THR A 15 -7.40 -18.99 7.37
CA THR A 15 -6.74 -19.94 6.49
C THR A 15 -6.52 -21.24 7.25
N PRO A 16 -6.89 -22.37 6.63
CA PRO A 16 -6.67 -23.66 7.31
C PRO A 16 -5.19 -23.93 7.56
N LEU A 17 -4.89 -24.56 8.69
CA LEU A 17 -3.52 -24.80 9.09
C LEU A 17 -2.74 -25.61 8.05
N GLU A 18 -3.40 -26.57 7.43
CA GLU A 18 -2.73 -27.42 6.44
C GLU A 18 -2.34 -26.61 5.21
N GLU A 19 -2.98 -25.45 5.04
CA GLU A 19 -2.64 -24.56 3.95
C GLU A 19 -1.59 -23.54 4.39
N LEU A 20 -1.81 -22.94 5.55
CA LEU A 20 -0.93 -21.91 6.07
C LEU A 20 0.50 -22.41 6.31
N LEU A 21 0.62 -23.60 6.89
CA LEU A 21 1.91 -24.09 7.38
C LEU A 21 2.97 -24.20 6.29
N PRO A 22 2.63 -24.83 5.16
CA PRO A 22 3.59 -24.99 4.06
C PRO A 22 4.08 -23.65 3.52
N HIS A 23 3.18 -22.67 3.49
CA HIS A 23 3.52 -21.34 3.00
C HIS A 23 4.44 -20.61 3.97
N ALA A 24 4.17 -20.75 5.27
CA ALA A 24 5.02 -20.14 6.29
C ALA A 24 6.42 -20.74 6.22
N ILE A 25 6.48 -22.07 6.20
CA ILE A 25 7.74 -22.78 6.09
C ILE A 25 8.55 -22.28 4.90
N GLU A 26 7.89 -22.12 3.75
CA GLU A 26 8.58 -21.68 2.55
C GLU A 26 9.07 -20.23 2.66
N PHE A 27 8.30 -19.37 3.31
CA PHE A 27 8.74 -17.98 3.44
C PHE A 27 9.95 -17.90 4.36
N ILE A 28 9.87 -18.59 5.49
CA ILE A 28 10.98 -18.64 6.42
C ILE A 28 12.26 -19.14 5.74
N ASN A 29 12.11 -20.08 4.80
CA ASN A 29 13.27 -20.58 4.06
C ASN A 29 13.85 -19.47 3.19
N GLN A 30 12.97 -18.72 2.55
CA GLN A 30 13.39 -17.62 1.68
C GLN A 30 14.11 -16.56 2.50
N TYR A 31 13.58 -16.25 3.68
CA TYR A 31 14.17 -15.23 4.54
C TYR A 31 15.57 -15.63 5.01
N TYR A 32 15.71 -16.88 5.49
CA TYR A 32 17.00 -17.32 6.00
C TYR A 32 17.98 -17.67 4.89
N GLY A 33 17.45 -17.99 3.71
CA GLY A 33 18.30 -18.22 2.56
C GLY A 33 19.00 -16.95 2.11
N SER A 34 18.42 -15.80 2.45
CA SER A 34 19.00 -14.52 2.06
C SER A 34 20.26 -14.27 2.88
N PHE A 35 20.50 -15.13 3.86
CA PHE A 35 21.75 -15.12 4.62
C PHE A 35 22.70 -16.19 4.10
N LYS A 36 22.38 -16.72 2.93
CA LYS A 36 23.21 -17.72 2.26
C LYS A 36 23.52 -18.93 3.13
N GLU A 37 24.72 -18.97 3.70
CA GLU A 37 25.19 -20.16 4.42
C GLU A 37 25.11 -19.99 5.94
N ALA A 38 24.75 -18.80 6.39
CA ALA A 38 24.73 -18.50 7.82
C ALA A 38 23.39 -18.86 8.47
N LYS A 39 23.39 -18.95 9.79
CA LYS A 39 22.17 -19.03 10.59
C LYS A 39 21.29 -20.25 10.34
N ILE A 40 21.90 -21.42 10.24
CA ILE A 40 21.13 -22.65 10.07
C ILE A 40 20.36 -23.01 11.35
N GLU A 41 21.01 -22.86 12.49
CA GLU A 41 20.35 -23.13 13.77
C GLU A 41 19.27 -22.12 14.07
N GLU A 42 19.48 -20.87 13.66
CA GLU A 42 18.47 -19.84 13.83
C GLU A 42 17.26 -20.15 12.95
N HIS A 43 17.54 -20.57 11.72
CA HIS A 43 16.48 -20.96 10.79
C HIS A 43 15.59 -22.05 11.39
N LEU A 44 16.22 -23.10 11.92
CA LEU A 44 15.48 -24.22 12.47
C LEU A 44 14.70 -23.82 13.71
N ALA A 45 15.31 -23.03 14.57
CA ALA A 45 14.61 -22.52 15.75
C ALA A 45 13.37 -21.71 15.38
N ARG A 46 13.45 -20.95 14.29
CA ARG A 46 12.32 -20.12 13.86
C ARG A 46 11.22 -21.00 13.26
N LEU A 47 11.60 -22.03 12.53
CA LEU A 47 10.64 -22.99 12.00
C LEU A 47 9.83 -23.61 13.12
N GLU A 48 10.52 -24.02 14.18
CA GLU A 48 9.87 -24.59 15.36
C GLU A 48 8.86 -23.64 15.99
N ALA A 49 9.31 -22.43 16.30
CA ALA A 49 8.46 -21.46 17.00
C ALA A 49 7.24 -21.09 16.15
N VAL A 50 7.44 -20.93 14.85
CA VAL A 50 6.33 -20.58 13.96
C VAL A 50 5.30 -21.70 13.89
N THR A 51 5.78 -22.94 13.87
CA THR A 51 4.87 -24.08 13.77
C THR A 51 4.04 -24.20 15.05
N LYS A 52 4.69 -24.14 16.21
CA LYS A 52 3.96 -24.20 17.47
C LYS A 52 2.92 -23.09 17.54
N GLU A 53 3.30 -21.90 17.08
CA GLU A 53 2.41 -20.75 17.13
C GLU A 53 1.18 -20.99 16.25
N ILE A 54 1.40 -21.52 15.07
CA ILE A 54 0.30 -21.80 14.14
C ILE A 54 -0.63 -22.86 14.72
N GLU A 55 -0.03 -23.90 15.31
CA GLU A 55 -0.79 -25.00 15.88
C GLU A 55 -1.55 -24.57 17.12
N THR A 56 -1.02 -23.58 17.84
CA THR A 56 -1.63 -23.14 19.09
C THR A 56 -2.55 -21.94 18.97
N THR A 57 -2.30 -21.06 17.99
CA THR A 57 -3.12 -19.86 17.83
C THR A 57 -3.87 -19.84 16.52
N GLY A 58 -3.53 -20.78 15.64
CA GLY A 58 -4.15 -20.82 14.33
C GLY A 58 -3.47 -19.92 13.31
N THR A 59 -2.51 -19.11 13.75
CA THR A 59 -1.80 -18.22 12.84
C THR A 59 -0.42 -17.92 13.40
N TYR A 60 0.30 -16.97 12.81
CA TYR A 60 1.58 -16.54 13.39
C TYR A 60 1.92 -15.08 13.08
N GLN A 61 2.85 -14.53 13.83
CA GLN A 61 3.31 -13.15 13.64
C GLN A 61 4.72 -13.12 13.07
N LEU A 62 4.93 -12.29 12.05
CA LEU A 62 6.26 -12.05 11.51
C LEU A 62 7.06 -11.21 12.50
N THR A 63 8.37 -11.39 12.52
CA THR A 63 9.24 -10.44 13.20
C THR A 63 9.27 -9.18 12.36
N LEU A 64 9.72 -8.07 12.94
CA LEU A 64 9.80 -6.82 12.21
C LEU A 64 10.71 -7.01 11.00
N ASP A 65 11.81 -7.73 11.22
CA ASP A 65 12.80 -7.89 10.16
C ASP A 65 12.25 -8.76 9.03
N GLU A 66 11.48 -9.79 9.39
CA GLU A 66 10.79 -10.58 8.38
C GLU A 66 9.78 -9.73 7.60
N LEU A 67 9.05 -8.88 8.30
CA LEU A 67 8.09 -8.00 7.64
C LEU A 67 8.79 -7.09 6.65
N ILE A 68 9.86 -6.43 7.09
CA ILE A 68 10.62 -5.54 6.23
C ILE A 68 11.11 -6.27 4.98
N PHE A 69 11.72 -7.43 5.18
CA PHE A 69 12.18 -8.26 4.06
C PHE A 69 11.04 -8.56 3.10
N ALA A 70 9.88 -8.92 3.65
CA ALA A 70 8.73 -9.28 2.83
C ALA A 70 8.21 -8.12 1.99
N THR A 71 8.14 -6.91 2.57
CA THR A 71 7.64 -5.77 1.80
C THR A 71 8.58 -5.47 0.64
N LYS A 72 9.88 -5.66 0.86
CA LYS A 72 10.87 -5.40 -0.19
C LYS A 72 10.91 -6.46 -1.27
N MET A 73 10.74 -7.73 -0.88
CA MET A 73 10.68 -8.81 -1.85
C MET A 73 9.40 -8.74 -2.68
N ALA A 74 8.29 -8.40 -2.05
CA ALA A 74 7.05 -8.21 -2.78
C ALA A 74 7.19 -7.09 -3.80
N TRP A 75 7.94 -6.05 -3.45
CA TRP A 75 8.19 -4.94 -4.37
C TRP A 75 9.07 -5.44 -5.51
N ARG A 76 10.14 -6.16 -5.16
CA ARG A 76 11.02 -6.74 -6.15
C ARG A 76 10.22 -7.65 -7.09
N ASN A 77 9.16 -8.28 -6.56
CA ASN A 77 8.34 -9.22 -7.33
C ASN A 77 7.20 -8.58 -8.13
N ALA A 78 7.10 -7.25 -8.09
CA ALA A 78 6.06 -6.54 -8.82
C ALA A 78 6.44 -6.33 -10.28
N PRO A 79 5.80 -7.08 -11.19
CA PRO A 79 6.18 -7.18 -12.60
C PRO A 79 6.21 -5.84 -13.34
N ARG A 80 5.22 -4.99 -13.09
CA ARG A 80 5.11 -3.74 -13.84
C ARG A 80 5.76 -2.53 -13.17
N CYS A 81 6.28 -2.71 -11.96
CA CYS A 81 6.84 -1.56 -11.26
C CYS A 81 8.25 -1.21 -11.73
N ILE A 82 8.37 -0.04 -12.34
CA ILE A 82 9.65 0.45 -12.84
C ILE A 82 10.58 0.78 -11.67
N GLY A 83 10.00 1.16 -10.54
CA GLY A 83 10.80 1.52 -9.38
C GLY A 83 11.43 0.34 -8.66
N ARG A 84 11.03 -0.88 -9.01
CA ARG A 84 11.48 -2.05 -8.28
C ARG A 84 12.97 -2.33 -8.48
N ILE A 85 13.60 -1.59 -9.39
CA ILE A 85 15.04 -1.74 -9.62
C ILE A 85 15.84 -1.29 -8.40
N GLN A 86 15.25 -0.43 -7.57
CA GLN A 86 15.88 -0.01 -6.32
C GLN A 86 15.07 -0.41 -5.08
N TRP A 87 14.67 -1.68 -5.03
CA TRP A 87 13.74 -2.17 -4.01
C TRP A 87 14.22 -2.06 -2.57
N SER A 88 15.50 -1.76 -2.36
CA SER A 88 16.01 -1.64 -0.98
C SER A 88 15.76 -0.25 -0.40
N ASN A 89 15.43 0.71 -1.26
CA ASN A 89 15.09 2.06 -0.80
C ASN A 89 13.62 2.12 -0.39
N LEU A 90 13.26 1.45 0.71
CA LEU A 90 11.88 1.43 1.18
C LEU A 90 11.83 1.59 2.70
N GLN A 91 11.11 2.60 3.16
CA GLN A 91 10.89 2.79 4.59
C GLN A 91 9.61 2.08 5.01
N VAL A 92 9.69 1.26 6.05
CA VAL A 92 8.55 0.50 6.53
C VAL A 92 8.00 1.08 7.84
N PHE A 93 6.69 1.30 7.89
CA PHE A 93 6.02 1.67 9.14
C PHE A 93 5.13 0.54 9.62
N ASP A 94 5.39 0.06 10.83
CA ASP A 94 4.71 -1.09 11.38
C ASP A 94 3.47 -0.67 12.17
N ALA A 95 2.30 -0.80 11.55
CA ALA A 95 1.03 -0.45 12.21
C ALA A 95 0.20 -1.68 12.54
N ARG A 96 0.86 -2.82 12.75
CA ARG A 96 0.16 -4.07 12.98
C ARG A 96 -0.55 -4.11 14.33
N ASN A 97 -0.30 -3.13 15.18
CA ASN A 97 -1.00 -3.02 16.45
C ASN A 97 -2.14 -2.00 16.37
N CYS A 98 -2.49 -1.57 15.16
CA CYS A 98 -3.57 -0.60 14.99
C CYS A 98 -4.93 -1.22 15.35
N SER A 99 -5.80 -0.44 15.99
CA SER A 99 -7.11 -0.94 16.42
C SER A 99 -8.30 -0.21 15.78
N THR A 100 -8.19 1.10 15.60
CA THR A 100 -9.33 1.90 15.17
C THR A 100 -9.07 2.65 13.88
N ALA A 101 -10.15 3.16 13.27
CA ALA A 101 -10.04 3.99 12.08
C ALA A 101 -9.35 5.31 12.40
N GLN A 102 -9.60 5.85 13.59
CA GLN A 102 -8.92 7.07 14.03
C GLN A 102 -7.41 6.86 14.07
N GLU A 103 -6.98 5.71 14.58
CA GLU A 103 -5.56 5.37 14.59
C GLU A 103 -5.01 5.13 13.18
N MET A 104 -5.80 4.47 12.32
CA MET A 104 -5.40 4.31 10.92
C MET A 104 -5.12 5.69 10.31
N PHE A 105 -6.02 6.62 10.56
CA PHE A 105 -5.88 7.98 10.05
C PHE A 105 -4.56 8.61 10.49
N GLN A 106 -4.19 8.43 11.76
CA GLN A 106 -2.95 9.05 12.24
C GLN A 106 -1.74 8.39 11.58
N HIS A 107 -1.79 7.07 11.40
CA HIS A 107 -0.71 6.38 10.73
C HIS A 107 -0.53 6.87 9.30
N ILE A 108 -1.64 7.04 8.60
CA ILE A 108 -1.58 7.53 7.22
C ILE A 108 -1.07 8.97 7.18
N CYS A 109 -1.46 9.80 8.14
CA CYS A 109 -0.90 11.14 8.24
C CYS A 109 0.63 11.11 8.35
N ARG A 110 1.14 10.27 9.24
CA ARG A 110 2.58 10.12 9.36
C ARG A 110 3.24 9.68 8.05
N HIS A 111 2.60 8.72 7.36
CA HIS A 111 3.12 8.21 6.09
C HIS A 111 3.22 9.32 5.06
N ILE A 112 2.15 10.08 4.91
CA ILE A 112 2.15 11.17 3.94
C ILE A 112 3.20 12.21 4.28
N LEU A 113 3.33 12.55 5.56
CA LEU A 113 4.35 13.49 6.02
C LEU A 113 5.75 13.01 5.61
N TYR A 114 6.07 11.78 6.01
CA TYR A 114 7.39 11.23 5.78
C TYR A 114 7.70 11.12 4.30
N ALA A 115 6.75 10.57 3.54
CA ALA A 115 6.97 10.25 2.14
C ALA A 115 7.08 11.52 1.29
N THR A 116 6.25 12.52 1.61
CA THR A 116 6.25 13.75 0.84
C THR A 116 7.54 14.52 1.09
N ASN A 117 7.91 14.65 2.37
CA ASN A 117 9.22 15.20 2.73
C ASN A 117 9.47 16.50 1.99
N ASN A 118 8.47 17.38 2.02
CA ASN A 118 8.59 18.70 1.42
C ASN A 118 8.98 18.66 -0.06
N GLY A 119 8.74 17.52 -0.70
CA GLY A 119 9.00 17.42 -2.14
C GLY A 119 10.12 16.46 -2.49
N ASN A 120 10.99 16.19 -1.53
CA ASN A 120 12.08 15.25 -1.72
C ASN A 120 11.55 13.85 -1.41
N ILE A 121 10.73 13.32 -2.33
CA ILE A 121 9.89 12.15 -2.06
C ILE A 121 10.69 10.93 -1.60
N ARG A 122 10.19 10.26 -0.57
CA ARG A 122 10.76 9.01 -0.12
C ARG A 122 9.73 7.88 -0.19
N SER A 123 10.14 6.72 -0.68
CA SER A 123 9.27 5.55 -0.73
C SER A 123 9.01 4.95 0.64
N ALA A 124 7.74 4.65 0.91
CA ALA A 124 7.35 4.08 2.19
C ALA A 124 6.17 3.13 2.05
N ILE A 125 6.02 2.23 3.00
CA ILE A 125 4.83 1.41 3.09
C ILE A 125 4.41 1.35 4.55
N THR A 126 3.11 1.45 4.80
CA THR A 126 2.59 1.28 6.16
C THR A 126 1.76 0.00 6.22
N VAL A 127 2.16 -0.92 7.10
CA VAL A 127 1.53 -2.22 7.19
C VAL A 127 0.57 -2.32 8.38
N PHE A 128 -0.71 -2.46 8.08
CA PHE A 128 -1.73 -2.58 9.13
C PHE A 128 -1.94 -4.05 9.50
N PRO A 129 -2.82 -4.34 10.48
CA PRO A 129 -2.93 -5.71 10.96
C PRO A 129 -3.32 -6.72 9.89
N GLN A 130 -2.75 -7.92 10.00
CA GLN A 130 -3.02 -8.99 9.04
C GLN A 130 -4.45 -9.51 9.19
N ARG A 131 -4.97 -10.06 8.11
CA ARG A 131 -6.26 -10.70 8.11
C ARG A 131 -6.26 -11.86 9.11
N SER A 132 -7.30 -11.92 9.93
CA SER A 132 -7.49 -13.03 10.85
C SER A 132 -8.52 -13.99 10.28
N ASP A 133 -9.81 -13.78 10.60
CA ASP A 133 -10.85 -14.65 10.06
C ASP A 133 -11.45 -14.12 8.77
N GLY A 134 -11.05 -12.91 8.38
CA GLY A 134 -11.57 -12.32 7.17
C GLY A 134 -12.81 -11.49 7.43
N LYS A 135 -13.27 -11.49 8.68
CA LYS A 135 -14.44 -10.71 9.06
C LYS A 135 -14.03 -9.46 9.83
N HIS A 136 -12.75 -9.28 10.03
CA HIS A 136 -12.24 -8.13 10.77
C HIS A 136 -11.17 -7.38 9.98
N ASP A 137 -11.32 -7.38 8.66
CA ASP A 137 -10.31 -6.76 7.77
C ASP A 137 -10.11 -5.28 8.05
N PHE A 138 -8.86 -4.85 7.99
CA PHE A 138 -8.56 -3.44 7.77
C PHE A 138 -8.45 -3.20 6.27
N ARG A 139 -9.08 -2.12 5.80
CA ARG A 139 -9.04 -1.76 4.39
C ARG A 139 -9.02 -0.25 4.26
N LEU A 140 -8.27 0.26 3.27
CA LEU A 140 -8.49 1.60 2.78
C LEU A 140 -9.38 1.51 1.55
N TRP A 141 -10.49 2.24 1.52
CA TRP A 141 -11.42 2.13 0.41
C TRP A 141 -10.98 2.96 -0.79
N ASN A 142 -10.15 3.96 -0.54
CA ASN A 142 -9.50 4.72 -1.60
C ASN A 142 -8.62 3.83 -2.47
N SER A 143 -8.44 4.22 -3.72
CA SER A 143 -7.49 3.55 -4.61
C SER A 143 -6.09 4.11 -4.38
N GLN A 144 -6.00 5.44 -4.22
CA GLN A 144 -4.76 6.10 -3.79
C GLN A 144 -4.98 6.92 -2.53
N LEU A 145 -3.92 7.16 -1.77
CA LEU A 145 -4.02 7.99 -0.57
C LEU A 145 -4.51 9.39 -0.96
N ILE A 146 -3.90 9.95 -2.00
CA ILE A 146 -4.27 11.26 -2.49
C ILE A 146 -4.77 11.17 -3.92
N ARG A 147 -5.97 11.68 -4.16
CA ARG A 147 -6.55 11.64 -5.50
C ARG A 147 -7.71 12.61 -5.54
N TYR A 148 -7.94 13.23 -6.70
CA TYR A 148 -9.00 14.21 -6.84
C TYR A 148 -10.35 13.54 -7.08
N ALA A 149 -11.41 14.20 -6.64
CA ALA A 149 -12.75 13.68 -6.85
C ALA A 149 -13.12 13.78 -8.32
N GLY A 150 -14.06 12.94 -8.75
CA GLY A 150 -14.60 13.07 -10.09
C GLY A 150 -16.10 13.19 -10.05
N TYR A 151 -16.63 14.23 -10.69
CA TYR A 151 -18.08 14.47 -10.72
C TYR A 151 -18.63 14.34 -12.14
N GLN A 152 -19.74 13.63 -12.28
CA GLN A 152 -20.38 13.49 -13.59
C GLN A 152 -21.24 14.72 -13.91
N PRO A 154 -24.19 16.05 -16.42
CA PRO A 154 -25.44 15.99 -17.18
C PRO A 154 -25.23 15.62 -18.65
N ASP A 155 -24.12 16.10 -19.22
CA ASP A 155 -23.82 15.83 -20.62
C ASP A 155 -23.00 14.54 -20.76
N GLY A 156 -22.71 13.91 -19.63
CA GLY A 156 -21.95 12.68 -19.66
C GLY A 156 -20.46 12.91 -19.44
N THR A 157 -20.06 14.17 -19.43
CA THR A 157 -18.68 14.53 -19.18
C THR A 157 -18.42 14.59 -17.68
N ILE A 158 -17.14 14.49 -17.29
CA ILE A 158 -16.76 14.43 -15.89
C ILE A 158 -15.87 15.61 -15.49
N ARG A 159 -16.16 16.20 -14.33
CA ARG A 159 -15.29 17.22 -13.75
C ARG A 159 -14.42 16.58 -12.66
N GLY A 160 -13.10 16.71 -12.81
CA GLY A 160 -12.20 16.05 -11.89
C GLY A 160 -11.60 14.78 -12.48
N ASP A 161 -11.33 13.80 -11.64
CA ASP A 161 -10.70 12.55 -12.06
C ASP A 161 -11.78 11.53 -12.45
N ALA A 162 -11.86 11.22 -13.75
CA ALA A 162 -12.86 10.29 -14.24
C ALA A 162 -12.73 8.92 -13.58
N ALA A 163 -11.53 8.61 -13.11
CA ALA A 163 -11.28 7.29 -12.55
C ALA A 163 -11.91 7.11 -11.17
N THR A 164 -12.37 8.20 -10.57
CA THR A 164 -12.90 8.15 -9.21
C THR A 164 -14.40 8.44 -9.13
N LEU A 165 -15.06 8.45 -10.28
CA LEU A 165 -16.50 8.74 -10.32
C LEU A 165 -17.26 7.96 -9.27
N GLU A 166 -17.05 6.65 -9.27
CA GLU A 166 -17.80 5.77 -8.39
C GLU A 166 -17.45 6.00 -6.92
N PHE A 167 -16.16 6.01 -6.61
CA PHE A 167 -15.71 6.23 -5.24
C PHE A 167 -16.16 7.61 -4.73
N THR A 168 -16.10 8.62 -5.61
CA THR A 168 -16.53 9.96 -5.23
C THR A 168 -17.99 9.95 -4.81
N GLN A 169 -18.82 9.27 -5.59
CA GLN A 169 -20.24 9.16 -5.28
C GLN A 169 -20.42 8.47 -3.94
N LEU A 170 -19.57 7.48 -3.66
CA LEU A 170 -19.62 6.77 -2.39
C LEU A 170 -19.35 7.69 -1.20
N CYS A 171 -18.35 8.57 -1.35
CA CYS A 171 -18.01 9.52 -0.29
C CYS A 171 -19.20 10.44 0.00
N ILE A 172 -19.83 10.93 -1.06
CA ILE A 172 -21.04 11.74 -0.90
C ILE A 172 -22.10 10.96 -0.13
N ASP A 173 -22.38 9.75 -0.59
CA ASP A 173 -23.35 8.89 0.09
C ASP A 173 -22.98 8.68 1.55
N LEU A 174 -21.69 8.75 1.85
CA LEU A 174 -21.22 8.55 3.21
C LEU A 174 -21.22 9.86 4.00
N GLY A 175 -21.72 10.91 3.38
CA GLY A 175 -21.92 12.16 4.11
C GLY A 175 -20.84 13.19 3.87
N TRP A 176 -19.86 12.85 3.06
CA TRP A 176 -18.84 13.81 2.69
C TRP A 176 -19.47 14.91 1.83
N LYS A 177 -19.14 16.16 2.15
CA LYS A 177 -19.72 17.30 1.46
C LYS A 177 -18.93 17.62 0.20
N PRO A 178 -19.52 17.36 -0.97
CA PRO A 178 -18.88 17.62 -2.26
C PRO A 178 -18.82 19.11 -2.60
N ARG A 179 -17.60 19.61 -2.81
CA ARG A 179 -17.43 20.79 -3.65
C ARG A 179 -17.62 20.27 -5.06
N TYR A 180 -17.32 21.07 -6.06
CA TYR A 180 -17.41 20.59 -7.44
C TYR A 180 -16.30 21.16 -8.30
N GLY A 181 -15.12 21.27 -7.71
CA GLY A 181 -13.97 21.81 -8.44
C GLY A 181 -13.29 20.75 -9.26
N ARG A 182 -12.24 21.14 -9.98
CA ARG A 182 -11.46 20.22 -10.78
C ARG A 182 -10.44 19.46 -9.94
N PHE A 183 -10.14 19.99 -8.75
CA PHE A 183 -9.05 19.46 -7.93
C PHE A 183 -9.44 19.32 -6.46
N ASP A 184 -10.56 18.67 -6.17
CA ASP A 184 -10.95 18.43 -4.79
C ASP A 184 -10.31 17.13 -4.31
N VAL A 185 -9.44 17.24 -3.30
CA VAL A 185 -8.81 16.05 -2.74
C VAL A 185 -9.85 15.24 -1.98
N LEU A 186 -10.00 13.96 -2.36
CA LEU A 186 -10.97 13.09 -1.72
C LEU A 186 -10.58 12.82 -0.27
N PRO A 187 -11.57 12.56 0.59
CA PRO A 187 -11.31 12.15 1.98
C PRO A 187 -10.74 10.73 2.00
N LEU A 188 -10.11 10.37 3.11
CA LEU A 188 -9.75 8.98 3.34
C LEU A 188 -10.98 8.25 3.85
N VAL A 189 -11.25 7.07 3.29
CA VAL A 189 -12.35 6.26 3.75
C VAL A 189 -11.78 4.99 4.37
N LEU A 190 -11.83 4.92 5.70
CA LEU A 190 -11.01 3.96 6.44
C LEU A 190 -11.82 2.95 7.20
N GLN A 191 -11.50 1.67 6.98
CA GLN A 191 -12.19 0.57 7.62
C GLN A 191 -11.25 -0.14 8.58
N ALA A 192 -11.68 -0.27 9.83
CA ALA A 192 -10.87 -0.93 10.84
C ALA A 192 -11.62 -2.11 11.44
N ASP A 193 -10.92 -3.23 11.58
CA ASP A 193 -11.46 -4.39 12.29
C ASP A 193 -12.79 -4.84 11.67
N GLY A 194 -12.96 -4.61 10.38
CA GLY A 194 -14.16 -5.09 9.70
C GLY A 194 -15.38 -4.20 9.84
N GLN A 195 -15.27 -3.11 10.59
CA GLN A 195 -16.40 -2.23 10.85
C GLN A 195 -16.75 -1.40 9.60
N ASP A 196 -17.93 -0.79 9.60
CA ASP A 196 -18.26 0.19 8.57
C ASP A 196 -17.14 1.21 8.50
N PRO A 197 -16.83 1.70 7.30
CA PRO A 197 -15.76 2.69 7.09
C PRO A 197 -16.13 4.05 7.66
N GLU A 198 -15.12 4.80 8.11
CA GLU A 198 -15.30 6.17 8.55
C GLU A 198 -14.58 7.12 7.60
N VAL A 199 -15.07 8.34 7.50
CA VAL A 199 -14.57 9.29 6.51
C VAL A 199 -13.69 10.36 7.18
N PHE A 200 -12.49 10.56 6.64
CA PHE A 200 -11.56 11.54 7.20
C PHE A 200 -11.02 12.46 6.13
N GLU A 201 -11.28 13.75 6.25
CA GLU A 201 -10.63 14.73 5.41
C GLU A 201 -9.12 14.68 5.67
N ILE A 202 -8.33 14.76 4.61
CA ILE A 202 -6.90 14.91 4.75
C ILE A 202 -6.57 16.39 5.03
N PRO A 203 -5.82 16.66 6.10
CA PRO A 203 -5.41 18.05 6.36
C PRO A 203 -4.70 18.63 5.14
N PRO A 204 -5.24 19.73 4.59
CA PRO A 204 -4.79 20.28 3.31
C PRO A 204 -3.29 20.55 3.25
N ASP A 205 -2.74 20.94 4.40
CA ASP A 205 -1.31 21.22 4.50
C ASP A 205 -0.47 19.96 4.32
N LEU A 206 -1.11 18.80 4.48
CA LEU A 206 -0.40 17.53 4.25
C LEU A 206 -0.29 17.18 2.77
N VAL A 207 -1.05 17.90 1.93
CA VAL A 207 -1.09 17.60 0.51
C VAL A 207 -0.24 18.57 -0.32
N LEU A 208 0.91 18.09 -0.77
CA LEU A 208 1.78 18.91 -1.61
C LEU A 208 1.32 18.84 -3.05
N GLU A 209 1.17 20.00 -3.67
CA GLU A 209 0.71 20.06 -5.06
C GLU A 209 1.67 20.83 -5.95
N VAL A 210 1.79 20.40 -7.20
CA VAL A 210 2.60 21.08 -8.19
C VAL A 210 1.72 21.83 -9.19
N THR A 211 1.82 23.15 -9.19
CA THR A 211 1.05 23.97 -10.12
C THR A 211 1.77 24.05 -11.46
N MET A 212 1.05 23.75 -12.54
CA MET A 212 1.66 23.63 -13.86
C MET A 212 1.78 24.98 -14.56
N LEU A 223 -4.05 28.85 -17.23
CA LEU A 223 -4.15 27.46 -17.65
C LEU A 223 -4.87 26.64 -16.57
N GLY A 224 -4.52 26.89 -15.31
CA GLY A 224 -5.26 26.33 -14.20
C GLY A 224 -4.81 24.96 -13.73
N LEU A 225 -3.96 24.31 -14.53
CA LEU A 225 -3.54 22.93 -14.26
C LEU A 225 -2.80 22.80 -12.94
N LYS A 226 -2.96 21.64 -12.29
CA LYS A 226 -2.38 21.38 -10.98
C LYS A 226 -2.38 19.88 -10.71
N TRP A 227 -1.47 19.42 -9.86
CA TRP A 227 -1.46 18.00 -9.49
C TRP A 227 -0.69 17.74 -8.19
N TYR A 228 -1.03 16.66 -7.51
CA TYR A 228 -0.38 16.32 -6.25
C TYR A 228 0.93 15.59 -6.47
N ALA A 229 1.85 15.74 -5.52
CA ALA A 229 3.22 15.29 -5.67
C ALA A 229 3.37 13.80 -5.34
N LEU A 230 2.48 13.27 -4.49
CA LEU A 230 2.67 11.95 -3.91
C LEU A 230 1.73 10.89 -4.50
N PRO A 231 2.27 9.96 -5.31
CA PRO A 231 1.53 8.81 -5.81
C PRO A 231 1.59 7.60 -4.87
N ALA A 232 0.50 7.35 -4.16
CA ALA A 232 0.47 6.27 -3.18
C ALA A 232 -0.69 5.32 -3.46
N VAL A 233 -0.37 4.04 -3.61
CA VAL A 233 -1.40 3.02 -3.82
C VAL A 233 -1.98 2.65 -2.46
N ALA A 234 -3.29 2.71 -2.35
CA ALA A 234 -3.95 2.55 -1.06
C ALA A 234 -4.61 1.19 -0.89
N ASN A 235 -4.84 0.47 -1.99
CA ASN A 235 -5.86 -0.57 -1.99
C ASN A 235 -5.38 -1.98 -2.30
N MET A 236 -4.09 -2.23 -2.26
CA MET A 236 -3.60 -3.56 -2.53
C MET A 236 -3.38 -4.40 -1.27
N LEU A 237 -3.15 -5.69 -1.46
CA LEU A 237 -2.97 -6.62 -0.35
C LEU A 237 -1.58 -7.27 -0.43
N LEU A 238 -0.86 -7.27 0.69
CA LEU A 238 0.44 -7.92 0.74
C LEU A 238 0.27 -9.34 1.22
N GLU A 239 0.79 -10.29 0.44
CA GLU A 239 0.79 -11.69 0.83
C GLU A 239 2.22 -12.11 1.17
N VAL A 240 2.36 -12.85 2.26
CA VAL A 240 3.67 -13.33 2.69
C VAL A 240 3.50 -14.52 3.62
N GLY A 241 4.13 -15.64 3.28
CA GLY A 241 4.09 -16.81 4.13
C GLY A 241 2.68 -17.27 4.46
N GLY A 242 1.74 -17.03 3.55
CA GLY A 242 0.36 -17.44 3.77
C GLY A 242 -0.44 -16.41 4.52
N LEU A 243 0.24 -15.39 5.06
CA LEU A 243 -0.46 -14.29 5.73
C LEU A 243 -0.92 -13.27 4.70
N GLU A 244 -2.03 -12.59 4.99
CA GLU A 244 -2.56 -11.57 4.10
C GLU A 244 -2.74 -10.25 4.84
N PHE A 245 -2.21 -9.17 4.26
CA PHE A 245 -2.34 -7.83 4.84
C PHE A 245 -3.16 -6.98 3.87
N PRO A 246 -4.49 -6.88 4.10
CA PRO A 246 -5.41 -6.22 3.15
C PRO A 246 -5.31 -4.70 3.18
N ALA A 247 -4.57 -4.17 4.16
CA ALA A 247 -4.33 -2.74 4.25
C ALA A 247 -2.83 -2.48 4.40
N CYS A 248 -2.21 -1.96 3.35
CA CYS A 248 -0.77 -1.74 3.31
C CYS A 248 -0.43 -0.70 2.26
N PRO A 249 -0.85 0.56 2.48
CA PRO A 249 -0.57 1.62 1.51
C PRO A 249 0.92 1.83 1.32
N PHE A 250 1.33 2.04 0.06
CA PHE A 250 2.73 2.36 -0.23
C PHE A 250 2.80 3.47 -1.26
N ASN A 251 3.96 4.10 -1.36
CA ASN A 251 4.14 5.14 -2.37
C ASN A 251 5.53 5.06 -2.99
N GLY A 252 5.62 5.54 -4.23
CA GLY A 252 6.90 5.88 -4.81
C GLY A 252 6.89 7.35 -5.17
N TRP A 253 7.55 7.69 -6.27
CA TRP A 253 7.39 9.00 -6.90
C TRP A 253 6.94 8.81 -8.34
N TYR A 254 6.44 9.88 -8.96
CA TYR A 254 5.92 9.79 -10.31
C TYR A 254 7.00 9.55 -11.35
N MET A 255 6.63 8.82 -12.41
CA MET A 255 7.35 8.88 -13.68
C MET A 255 6.94 10.18 -14.35
N GLY A 256 7.81 10.73 -15.18
CA GLY A 256 7.47 11.99 -15.84
C GLY A 256 6.31 11.88 -16.80
N THR A 257 6.11 10.69 -17.36
CA THR A 257 5.18 10.50 -18.46
C THR A 257 3.72 10.47 -18.01
N GLU A 258 3.47 9.87 -16.85
CA GLU A 258 2.12 9.78 -16.32
C GLU A 258 1.71 11.06 -15.62
N ASN A 300 3.95 15.01 -20.34
CA ASN A 300 3.89 16.34 -20.94
C ASN A 300 5.05 17.21 -20.48
N VAL A 301 5.53 18.07 -21.37
CA VAL A 301 6.69 18.90 -21.11
C VAL A 301 6.49 19.79 -19.88
N ALA A 302 5.34 20.43 -19.80
CA ALA A 302 5.07 21.36 -18.70
C ALA A 302 5.14 20.65 -17.35
N VAL A 303 4.75 19.38 -17.33
CA VAL A 303 4.76 18.60 -16.09
C VAL A 303 6.17 18.34 -15.62
N LEU A 304 7.01 17.80 -16.51
CA LEU A 304 8.40 17.53 -16.19
C LEU A 304 9.09 18.79 -15.71
N HIS A 305 8.70 19.92 -16.27
CA HIS A 305 9.29 21.21 -15.93
C HIS A 305 8.83 21.69 -14.54
N SER A 306 7.55 21.54 -14.27
CA SER A 306 6.96 22.12 -13.06
C SER A 306 7.37 21.36 -11.80
N PHE A 307 7.42 20.04 -11.90
CA PHE A 307 7.87 19.23 -10.78
C PHE A 307 9.32 19.56 -10.45
N GLN A 308 10.16 19.61 -11.48
CA GLN A 308 11.58 19.90 -11.32
C GLN A 308 11.81 21.33 -10.83
N LYS A 309 10.96 22.24 -11.28
CA LYS A 309 11.08 23.64 -10.91
C LYS A 309 10.66 23.86 -9.46
N GLN A 310 9.72 23.06 -8.99
CA GLN A 310 9.25 23.14 -7.60
C GLN A 310 10.00 22.15 -6.72
N ASN A 311 10.94 21.42 -7.31
CA ASN A 311 11.79 20.51 -6.56
C ASN A 311 11.02 19.33 -5.97
N VAL A 312 10.12 18.78 -6.76
CA VAL A 312 9.44 17.55 -6.39
C VAL A 312 9.98 16.39 -7.22
N THR A 313 10.42 15.33 -6.53
CA THR A 313 11.08 14.22 -7.17
C THR A 313 10.22 13.58 -8.24
N ILE A 314 10.81 13.36 -9.41
CA ILE A 314 10.24 12.48 -10.43
C ILE A 314 11.34 11.56 -10.95
N MET A 315 10.94 10.52 -11.67
CA MET A 315 11.92 9.56 -12.16
C MET A 315 12.57 10.05 -13.46
N ASP A 316 13.28 11.18 -13.36
CA ASP A 316 14.14 11.62 -14.46
C ASP A 316 15.45 10.83 -14.40
N HIS A 317 16.35 11.10 -15.34
CA HIS A 317 17.57 10.29 -15.44
C HIS A 317 18.42 10.41 -14.20
N HIS A 318 18.56 11.64 -13.70
CA HIS A 318 19.37 11.88 -12.52
C HIS A 318 18.81 11.11 -11.32
N THR A 319 17.50 11.16 -11.14
CA THR A 319 16.86 10.46 -10.03
C THR A 319 17.00 8.96 -10.18
N ALA A 320 16.81 8.45 -11.40
CA ALA A 320 16.99 7.04 -11.68
C ALA A 320 18.40 6.61 -11.29
N SER A 321 19.38 7.43 -11.65
CA SER A 321 20.78 7.11 -11.39
C SER A 321 21.07 7.20 -9.90
N GLU A 322 20.57 8.25 -9.27
CA GLU A 322 20.80 8.50 -7.85
C GLU A 322 20.19 7.40 -6.98
N SER A 323 18.94 7.04 -7.26
CA SER A 323 18.26 6.06 -6.43
C SER A 323 18.86 4.67 -6.63
N PHE A 324 19.28 4.37 -7.86
CA PHE A 324 19.93 3.10 -8.11
C PHE A 324 21.28 3.01 -7.40
N MET A 325 22.00 4.12 -7.40
CA MET A 325 23.29 4.19 -6.70
C MET A 325 23.07 3.93 -5.21
N LYS A 326 22.08 4.61 -4.64
CA LYS A 326 21.72 4.41 -3.23
C LYS A 326 21.33 2.96 -2.99
N HIS A 327 20.56 2.39 -3.90
CA HIS A 327 20.21 0.98 -3.82
C HIS A 327 21.45 0.09 -3.75
N MET A 328 22.37 0.29 -4.68
CA MET A 328 23.59 -0.51 -4.73
C MET A 328 24.46 -0.27 -3.50
N GLN A 329 24.33 0.92 -2.91
CA GLN A 329 24.97 1.23 -1.64
C GLN A 329 24.52 0.26 -0.56
N ASN A 330 23.21 0.04 -0.48
CA ASN A 330 22.63 -0.79 0.56
C ASN A 330 23.14 -2.23 0.48
N GLU A 331 23.46 -2.68 -0.73
CA GLU A 331 24.19 -3.94 -0.90
C GLU A 331 25.56 -3.81 -0.25
N TYR A 332 25.68 -4.32 0.97
CA TYR A 332 26.91 -4.17 1.75
C TYR A 332 27.60 -5.51 1.95
N VAL A 365 3.76 -19.73 -8.26
CA VAL A 365 3.38 -18.32 -8.08
C VAL A 365 4.47 -17.59 -7.32
N LEU A 366 4.53 -16.27 -7.49
CA LEU A 366 5.47 -15.43 -6.75
C LEU A 366 4.97 -15.11 -5.35
N SER A 367 5.88 -15.17 -4.38
CA SER A 367 5.58 -14.79 -3.01
C SER A 367 6.89 -14.39 -2.31
N PRO A 368 6.85 -13.32 -1.50
CA PRO A 368 5.70 -12.45 -1.25
C PRO A 368 5.29 -11.60 -2.45
N PHE A 369 4.09 -11.03 -2.38
CA PHE A 369 3.49 -10.43 -3.57
C PHE A 369 2.42 -9.43 -3.18
N TYR A 370 2.29 -8.35 -3.96
CA TYR A 370 1.19 -7.41 -3.80
C TYR A 370 0.06 -7.79 -4.76
N TYR A 371 -1.10 -8.12 -4.19
CA TYR A 371 -2.28 -8.45 -4.97
C TYR A 371 -3.28 -7.30 -5.07
N TYR A 372 -4.05 -7.28 -6.14
CA TYR A 372 -5.25 -6.45 -6.20
C TYR A 372 -6.35 -7.09 -5.38
N GLN A 373 -7.34 -6.30 -5.00
CA GLN A 373 -8.48 -6.78 -4.23
C GLN A 373 -9.76 -6.37 -4.93
N ILE A 374 -10.89 -6.92 -4.50
CA ILE A 374 -12.18 -6.44 -4.99
C ILE A 374 -12.54 -5.16 -4.24
N GLU A 375 -12.94 -4.12 -4.97
CA GLU A 375 -13.37 -2.88 -4.35
C GLU A 375 -14.33 -3.18 -3.20
N PRO A 376 -14.00 -2.69 -2.00
CA PRO A 376 -14.67 -3.11 -0.77
C PRO A 376 -16.14 -2.70 -0.62
N TRP A 377 -16.58 -1.66 -1.35
CA TRP A 377 -17.98 -1.31 -1.30
C TRP A 377 -18.86 -2.33 -2.04
N LYS A 378 -18.22 -3.22 -2.80
CA LYS A 378 -18.96 -4.26 -3.51
C LYS A 378 -19.11 -5.52 -2.69
N THR A 379 -18.37 -5.61 -1.59
CA THR A 379 -18.33 -6.84 -0.79
C THR A 379 -18.68 -6.62 0.68
N HIS A 380 -18.71 -5.36 1.11
CA HIS A 380 -18.89 -5.07 2.53
C HIS A 380 -20.33 -5.24 3.00
N ILE A 381 -20.51 -5.94 4.13
CA ILE A 381 -21.81 -6.08 4.77
C ILE A 381 -22.00 -5.00 5.83
N TRP A 382 -22.86 -4.03 5.55
CA TRP A 382 -23.01 -2.87 6.41
C TRP A 382 -23.58 -3.20 7.78
N GLN A 383 -22.89 -2.75 8.83
CA GLN A 383 -23.36 -2.91 10.20
C GLN A 383 -24.62 -2.07 10.38
N ASN A 384 -24.62 -0.89 9.75
CA ASN A 384 -25.77 0.00 9.78
C ASN A 384 -25.65 1.04 8.67
CHA HEM B . 3.36 -0.25 -10.47
CHB HEM B . 6.76 3.22 -10.66
CHC HEM B . 7.67 2.56 -5.95
CHD HEM B . 4.79 -1.39 -5.99
C1A HEM B . 4.21 0.77 -10.90
C2A HEM B . 4.15 1.35 -12.21
C3A HEM B . 5.10 2.32 -12.26
C4A HEM B . 5.74 2.34 -10.97
CMA HEM B . 5.48 3.16 -13.48
CAA HEM B . 3.27 0.92 -13.35
CBA HEM B . 1.90 1.57 -13.32
CGA HEM B . 1.12 1.32 -14.59
O1A HEM B . 0.73 2.31 -15.26
O2A HEM B . 0.88 0.13 -14.93
C1B HEM B . 7.35 3.26 -9.41
C2B HEM B . 8.34 4.23 -9.07
C3B HEM B . 8.60 4.12 -7.77
C4B HEM B . 7.76 3.02 -7.27
CMB HEM B . 8.94 5.26 -10.03
CAB HEM B . 9.43 5.04 -7.13
CBB HEM B . 10.24 4.83 -5.97
C1C HEM B . 6.88 1.46 -5.53
C2C HEM B . 6.84 0.93 -4.19
C3C HEM B . 6.10 -0.20 -4.21
C4C HEM B . 5.65 -0.36 -5.57
CMC HEM B . 7.57 1.55 -3.01
CAC HEM B . 5.78 -1.07 -3.17
CBC HEM B . 6.61 -1.34 -1.99
C1D HEM B . 4.15 -1.40 -7.22
C2D HEM B . 3.12 -2.34 -7.59
C3D HEM B . 2.68 -1.97 -8.81
C4D HEM B . 3.47 -0.83 -9.22
CMD HEM B . 2.68 -3.56 -6.80
CAD HEM B . 1.55 -2.59 -9.63
CBD HEM B . 1.69 -4.08 -9.95
CGD HEM B . 2.70 -4.36 -11.05
O1D HEM B . 3.80 -3.76 -11.04
O2D HEM B . 2.39 -5.19 -11.94
NA HEM B . 5.19 1.38 -10.12
NB HEM B . 7.00 2.50 -8.31
NC HEM B . 6.10 0.66 -6.37
ND HEM B . 4.37 -0.47 -8.23
FE HEM B . 5.69 1.02 -8.25
C12 MSR C . 0.48 3.46 -9.31
C13 MSR C . -0.79 3.86 -9.76
C14 MSR C . -1.40 4.99 -9.20
O17 MSR C . -2.64 5.36 -9.62
C15 MSR C . -0.75 5.73 -8.19
C16 MSR C . 0.52 5.32 -7.74
C11 MSR C . 1.14 4.17 -8.29
N3 MSR C . 2.32 3.73 -7.82
C4 MSR C . 3.07 4.28 -6.85
C5 MSR C . 4.14 3.54 -6.66
NFE MSR C . 4.08 2.50 -7.51
C2 MSR C . 2.96 2.64 -8.22
C36 MR1 D . 1.53 5.75 -12.53
C35 MR1 D . 2.68 6.12 -11.81
O39 MR1 D . 3.13 5.73 -10.58
C38 MR1 D . 4.48 6.19 -10.49
O37 MR1 D . 4.62 7.22 -11.49
C34 MR1 D . 3.58 7.05 -12.35
C33 MR1 D . 3.31 7.62 -13.61
C32 MR1 D . 2.17 7.26 -14.33
C31 MR1 D . 1.28 6.32 -13.78
C30 MR1 D . 0.02 5.91 -14.58
N MR1 D . -1.16 6.56 -13.99
#